data_7QVO
#
_entry.id   7QVO
#
_cell.length_a   51.039
_cell.length_b   68.512
_cell.length_c   116.685
_cell.angle_alpha   90.000
_cell.angle_beta   90.000
_cell.angle_gamma   90.000
#
_symmetry.space_group_name_H-M   'I 2 2 2'
#
loop_
_entity.id
_entity.type
_entity.pdbx_description
1 polymer 'Cholinephosphate cytidylyltransferase'
2 non-polymer 2-AMINO-2-HYDROXYMETHYL-PROPANE-1,3-DIOL
3 non-polymer Guanidinium
4 water water
#
_entity_poly.entity_id   1
_entity_poly.type   'polypeptide(L)'
_entity_poly.pdbx_seq_one_letter_code
;GHMAVPDDDDDDDNSNDESEYESSQMDSEKNKGSIKNSKNVVIYADGVYDMLHLGHMKQLEQAKKLFENTTLIVGVTSDN
ETKLFKGQVVQTLEERTETLKHIRWVDEIISPCPWVVTPEFLEKYKIDYVAHDDIPYANNQKEDIYAWLKRAGKFKATQR
TEGVSTTDLIVRILKNYEDY
;
_entity_poly.pdbx_strand_id   A
#
# COMPACT_ATOMS: atom_id res chain seq x y z
N SER A 38 4.71 0.60 -25.54
CA SER A 38 5.99 0.43 -24.86
C SER A 38 6.01 -0.84 -24.00
N LYS A 39 7.21 -1.29 -23.65
CA LYS A 39 7.38 -2.49 -22.83
C LYS A 39 6.63 -2.38 -21.51
N ASN A 40 6.07 -3.52 -21.08
CA ASN A 40 5.36 -3.56 -19.80
C ASN A 40 6.33 -3.57 -18.64
N VAL A 41 6.01 -2.78 -17.63
CA VAL A 41 6.87 -2.51 -16.48
C VAL A 41 6.14 -3.01 -15.24
N VAL A 42 6.78 -3.89 -14.48
CA VAL A 42 6.18 -4.45 -13.27
C VAL A 42 6.54 -3.57 -12.08
N ILE A 43 5.52 -3.01 -11.45
CA ILE A 43 5.64 -2.13 -10.30
C ILE A 43 5.13 -2.87 -9.08
N TYR A 44 5.84 -2.71 -7.96
CA TYR A 44 5.42 -3.30 -6.69
C TYR A 44 5.22 -2.21 -5.67
N ALA A 45 4.09 -2.26 -4.96
CA ALA A 45 3.81 -1.39 -3.83
C ALA A 45 3.30 -2.28 -2.70
N ASP A 46 3.53 -1.88 -1.46
CA ASP A 46 2.98 -2.69 -0.37
C ASP A 46 2.51 -1.79 0.75
N GLY A 47 1.84 -2.39 1.72
CA GLY A 47 1.26 -1.62 2.81
C GLY A 47 0.28 -2.47 3.60
N VAL A 48 -0.34 -1.80 4.57
CA VAL A 48 -1.35 -2.45 5.42
C VAL A 48 -2.73 -2.40 4.78
N TYR A 49 -3.10 -1.23 4.25
CA TYR A 49 -4.41 -1.04 3.61
C TYR A 49 -5.55 -1.34 4.58
N ASP A 50 -5.37 -0.90 5.84
CA ASP A 50 -6.44 -0.97 6.81
C ASP A 50 -7.47 0.12 6.51
N MET A 51 -8.75 -0.21 6.65
CA MET A 51 -9.84 0.73 6.35
C MET A 51 -9.52 1.58 5.11
N LEU A 52 -9.38 0.87 4.00
CA LEU A 52 -8.94 1.45 2.74
C LEU A 52 -9.68 2.74 2.44
N HIS A 53 -8.93 3.78 2.08
CA HIS A 53 -9.51 5.09 1.88
C HIS A 53 -8.91 5.74 0.65
N LEU A 54 -9.41 6.94 0.35
CA LEU A 54 -9.00 7.67 -0.86
C LEU A 54 -7.49 7.83 -0.91
N GLY A 55 -6.85 8.02 0.23
CA GLY A 55 -5.39 8.15 0.25
C GLY A 55 -4.68 6.94 -0.32
N HIS A 56 -5.08 5.75 0.11
CA HIS A 56 -4.51 4.53 -0.43
C HIS A 56 -4.75 4.47 -1.92
N MET A 57 -5.95 4.86 -2.31
CA MET A 57 -6.42 4.70 -3.68
C MET A 57 -5.60 5.56 -4.62
N LYS A 58 -5.35 6.79 -4.19
CA LYS A 58 -4.58 7.71 -5.00
C LYS A 58 -3.13 7.26 -5.08
N GLN A 59 -2.60 6.68 -4.01
CA GLN A 59 -1.21 6.23 -4.05
C GLN A 59 -1.07 5.01 -4.95
N LEU A 60 -2.07 4.13 -4.94
CA LEU A 60 -2.07 3.01 -5.87
C LEU A 60 -2.19 3.49 -7.31
N GLU A 61 -3.05 4.48 -7.56
CA GLU A 61 -3.16 5.01 -8.91
C GLU A 61 -1.85 5.59 -9.37
N GLN A 62 -1.16 6.30 -8.47
CA GLN A 62 0.12 6.90 -8.84
C GLN A 62 1.13 5.84 -9.21
N ALA A 63 1.19 4.76 -8.43
CA ALA A 63 2.09 3.66 -8.77
C ALA A 63 1.73 3.03 -10.11
N LYS A 64 0.44 2.76 -10.31
CA LYS A 64 0.00 2.17 -11.58
C LYS A 64 0.39 3.03 -12.77
N LYS A 65 0.49 4.34 -12.59
CA LYS A 65 0.68 5.25 -13.71
C LYS A 65 2.10 5.75 -13.83
N LEU A 66 3.05 5.12 -13.13
CA LEU A 66 4.44 5.54 -13.23
C LEU A 66 4.97 5.40 -14.65
N PHE A 67 4.45 4.44 -15.41
CA PHE A 67 4.80 4.24 -16.80
C PHE A 67 3.54 3.98 -17.59
N GLU A 68 3.65 4.12 -18.92
CA GLU A 68 2.50 3.95 -19.80
C GLU A 68 1.87 2.58 -19.65
N ASN A 69 2.67 1.53 -19.64
CA ASN A 69 2.19 0.16 -19.59
C ASN A 69 2.82 -0.53 -18.38
N THR A 70 2.01 -0.85 -17.39
CA THR A 70 2.52 -1.40 -16.15
C THR A 70 1.65 -2.57 -15.73
N THR A 71 2.24 -3.42 -14.90
CA THR A 71 1.49 -4.34 -14.04
C THR A 71 1.78 -3.93 -12.61
N LEU A 72 0.72 -3.55 -11.88
CA LEU A 72 0.86 -3.12 -10.49
C LEU A 72 0.58 -4.32 -9.61
N ILE A 73 1.60 -4.78 -8.88
CA ILE A 73 1.47 -5.82 -7.87
C ILE A 73 1.43 -5.14 -6.51
N VAL A 74 0.46 -5.51 -5.68
CA VAL A 74 0.29 -4.88 -4.38
C VAL A 74 0.48 -5.93 -3.31
N GLY A 75 1.39 -5.68 -2.37
CA GLY A 75 1.61 -6.57 -1.24
C GLY A 75 0.83 -6.08 -0.04
N VAL A 76 0.16 -7.01 0.64
CA VAL A 76 -0.63 -6.69 1.83
C VAL A 76 0.02 -7.35 3.04
N THR A 77 0.36 -6.54 4.06
CA THR A 77 1.15 -7.07 5.17
C THR A 77 0.30 -7.94 6.08
N SER A 78 0.96 -8.89 6.74
CA SER A 78 0.26 -9.84 7.60
C SER A 78 -0.23 -9.14 8.87
N ASP A 79 -1.29 -9.70 9.46
CA ASP A 79 -1.75 -9.20 10.76
C ASP A 79 -0.64 -9.23 11.80
N ASN A 80 0.01 -10.37 11.97
CA ASN A 80 0.94 -10.53 13.09
CA ASN A 80 0.92 -10.51 13.10
C ASN A 80 2.15 -9.61 12.94
N GLU A 81 2.71 -9.52 11.74
CA GLU A 81 3.88 -8.66 11.57
C GLU A 81 3.51 -7.18 11.63
N THR A 82 2.37 -6.80 11.07
CA THR A 82 1.97 -5.40 11.17
C THR A 82 1.79 -5.00 12.62
N LYS A 83 1.09 -5.83 13.41
CA LYS A 83 0.86 -5.49 14.80
C LYS A 83 2.14 -5.49 15.61
N LEU A 84 3.08 -6.39 15.30
CA LEU A 84 4.32 -6.49 16.06
C LEU A 84 5.27 -5.34 15.75
N PHE A 85 5.36 -4.93 14.48
CA PHE A 85 6.40 -4.00 14.04
C PHE A 85 5.89 -2.59 13.78
N LYS A 86 4.60 -2.39 13.55
CA LYS A 86 4.10 -1.09 13.12
C LYS A 86 3.03 -0.54 14.03
N GLY A 87 1.91 -1.23 14.18
CA GLY A 87 0.88 -0.77 15.08
C GLY A 87 -0.43 -1.49 14.85
N GLN A 88 -1.48 -0.93 15.46
CA GLN A 88 -2.77 -1.61 15.47
C GLN A 88 -3.42 -1.61 14.09
N VAL A 89 -4.23 -2.65 13.86
CA VAL A 89 -4.90 -2.90 12.59
C VAL A 89 -6.27 -3.46 12.92
N VAL A 90 -7.33 -2.85 12.40
CA VAL A 90 -8.69 -3.29 12.72
CA VAL A 90 -8.67 -3.32 12.74
C VAL A 90 -9.08 -4.50 11.88
N GLN A 91 -8.75 -4.48 10.60
CA GLN A 91 -9.22 -5.51 9.68
C GLN A 91 -8.20 -6.63 9.52
N THR A 92 -8.72 -7.84 9.33
CA THR A 92 -7.83 -8.98 9.10
C THR A 92 -7.20 -8.88 7.72
N LEU A 93 -6.15 -9.70 7.53
CA LEU A 93 -5.54 -9.82 6.22
C LEU A 93 -6.57 -10.14 5.16
N GLU A 94 -7.49 -11.06 5.47
CA GLU A 94 -8.48 -11.45 4.49
C GLU A 94 -9.37 -10.26 4.09
N GLU A 95 -9.84 -9.48 5.08
CA GLU A 95 -10.68 -8.33 4.79
CA GLU A 95 -10.70 -8.36 4.72
C GLU A 95 -9.92 -7.27 4.01
N ARG A 96 -8.66 -7.03 4.38
CA ARG A 96 -7.92 -5.96 3.72
C ARG A 96 -7.63 -6.35 2.28
N THR A 97 -7.31 -7.62 2.06
CA THR A 97 -7.06 -8.15 0.73
C THR A 97 -8.33 -8.14 -0.12
N GLU A 98 -9.45 -8.59 0.46
CA GLU A 98 -10.70 -8.62 -0.30
C GLU A 98 -11.12 -7.22 -0.73
N THR A 99 -10.89 -6.22 0.13
CA THR A 99 -11.31 -4.87 -0.24
C THR A 99 -10.43 -4.33 -1.37
N LEU A 100 -9.12 -4.58 -1.28
CA LEU A 100 -8.18 -4.11 -2.29
C LEU A 100 -8.50 -4.62 -3.67
N LYS A 101 -9.05 -5.83 -3.76
CA LYS A 101 -9.29 -6.42 -5.07
C LYS A 101 -10.29 -5.61 -5.89
N HIS A 102 -11.07 -4.74 -5.25
CA HIS A 102 -12.05 -3.94 -5.95
C HIS A 102 -11.47 -2.69 -6.58
N ILE A 103 -10.20 -2.41 -6.35
CA ILE A 103 -9.59 -1.16 -6.80
C ILE A 103 -9.03 -1.36 -8.21
N ARG A 104 -9.39 -0.45 -9.11
CA ARG A 104 -9.14 -0.71 -10.53
C ARG A 104 -7.66 -0.67 -10.90
N TRP A 105 -6.81 -0.02 -10.10
CA TRP A 105 -5.37 0.02 -10.39
C TRP A 105 -4.66 -1.28 -10.06
N VAL A 106 -5.24 -2.13 -9.22
CA VAL A 106 -4.54 -3.30 -8.70
C VAL A 106 -4.60 -4.42 -9.72
N ASP A 107 -3.43 -4.90 -10.15
CA ASP A 107 -3.38 -5.98 -11.13
C ASP A 107 -3.12 -7.33 -10.49
N GLU A 108 -2.30 -7.37 -9.43
CA GLU A 108 -2.05 -8.61 -8.71
C GLU A 108 -1.87 -8.26 -7.26
N ILE A 109 -2.28 -9.16 -6.38
CA ILE A 109 -2.10 -8.98 -4.95
C ILE A 109 -1.29 -10.14 -4.41
N ILE A 110 -0.29 -9.80 -3.59
CA ILE A 110 0.48 -10.78 -2.85
C ILE A 110 0.02 -10.65 -1.40
N SER A 111 -0.69 -11.65 -0.94
CA SER A 111 -1.31 -11.57 0.37
C SER A 111 -1.12 -12.88 1.13
N PRO A 112 -0.34 -12.91 2.23
CA PRO A 112 0.41 -11.79 2.79
C PRO A 112 1.69 -11.56 2.00
N CYS A 113 2.18 -10.34 2.07
CA CYS A 113 3.49 -10.04 1.51
C CYS A 113 4.56 -10.17 2.57
N PRO A 114 5.83 -10.22 2.18
CA PRO A 114 6.89 -10.23 3.18
C PRO A 114 6.95 -8.88 3.88
N TRP A 115 7.32 -8.91 5.16
CA TRP A 115 7.43 -7.65 5.90
C TRP A 115 8.56 -6.79 5.35
N VAL A 116 9.67 -7.42 4.96
CA VAL A 116 10.84 -6.75 4.41
C VAL A 116 11.04 -7.20 2.98
N VAL A 117 11.09 -6.25 2.05
CA VAL A 117 11.37 -6.56 0.65
C VAL A 117 12.84 -6.93 0.50
N THR A 118 13.10 -8.01 -0.24
CA THR A 118 14.45 -8.48 -0.52
C THR A 118 14.72 -8.47 -2.02
N PRO A 119 16.00 -8.47 -2.42
CA PRO A 119 16.30 -8.57 -3.86
C PRO A 119 15.79 -9.87 -4.47
N GLU A 120 15.78 -10.95 -3.69
CA GLU A 120 15.30 -12.23 -4.20
C GLU A 120 13.81 -12.17 -4.48
N PHE A 121 13.08 -11.41 -3.66
CA PHE A 121 11.66 -11.21 -3.90
C PHE A 121 11.42 -10.48 -5.21
N LEU A 122 12.19 -9.40 -5.47
CA LEU A 122 12.05 -8.67 -6.72
C LEU A 122 12.34 -9.58 -7.91
N GLU A 123 13.35 -10.44 -7.78
CA GLU A 123 13.67 -11.36 -8.86
C GLU A 123 12.57 -12.38 -9.05
N LYS A 124 12.03 -12.90 -7.95
CA LYS A 124 10.98 -13.92 -8.05
C LYS A 124 9.77 -13.41 -8.83
N TYR A 125 9.36 -12.17 -8.58
CA TYR A 125 8.17 -11.60 -9.21
C TYR A 125 8.51 -10.68 -10.38
N LYS A 126 9.78 -10.66 -10.80
CA LYS A 126 10.19 -9.92 -11.99
C LYS A 126 9.84 -8.45 -11.85
N ILE A 127 10.06 -7.90 -10.65
CA ILE A 127 9.63 -6.53 -10.37
C ILE A 127 10.68 -5.55 -10.87
N ASP A 128 10.22 -4.57 -11.66
CA ASP A 128 11.13 -3.56 -12.19
C ASP A 128 11.33 -2.38 -11.25
N TYR A 129 10.26 -1.93 -10.60
CA TYR A 129 10.37 -0.83 -9.65
C TYR A 129 9.51 -1.13 -8.44
N VAL A 130 10.00 -0.69 -7.29
CA VAL A 130 9.20 -0.62 -6.07
C VAL A 130 8.75 0.82 -5.89
N ALA A 131 7.44 1.02 -5.83
CA ALA A 131 6.87 2.35 -5.60
C ALA A 131 6.66 2.56 -4.10
N HIS A 132 7.31 3.56 -3.52
CA HIS A 132 7.17 3.78 -2.09
C HIS A 132 7.20 5.27 -1.79
N ASP A 133 6.73 5.62 -0.60
CA ASP A 133 6.70 7.03 -0.18
C ASP A 133 7.89 7.43 0.69
N ASP A 144 18.56 4.18 6.10
CA ASP A 144 17.70 3.98 4.94
C ASP A 144 17.53 2.51 4.58
N ILE A 145 16.35 1.95 4.92
CA ILE A 145 16.08 0.57 4.54
C ILE A 145 15.82 0.46 3.04
N TYR A 146 15.47 1.57 2.38
CA TYR A 146 15.27 1.58 0.95
C TYR A 146 16.54 1.89 0.16
N ALA A 147 17.67 2.10 0.84
CA ALA A 147 18.89 2.51 0.13
C ALA A 147 19.26 1.52 -0.97
N TRP A 148 19.17 0.22 -0.68
CA TRP A 148 19.56 -0.76 -1.69
C TRP A 148 18.66 -0.70 -2.93
N LEU A 149 17.38 -0.35 -2.75
CA LEU A 149 16.51 -0.16 -3.91
C LEU A 149 16.96 1.00 -4.77
N LYS A 150 17.33 2.13 -4.14
CA LYS A 150 17.80 3.28 -4.91
C LYS A 150 19.12 2.96 -5.61
N ARG A 151 20.01 2.24 -4.93
CA ARG A 151 21.29 1.84 -5.53
C ARG A 151 21.09 0.96 -6.74
N ALA A 152 20.00 0.18 -6.75
CA ALA A 152 19.67 -0.71 -7.84
C ALA A 152 18.88 -0.03 -8.95
N GLY A 153 18.47 1.22 -8.76
CA GLY A 153 17.65 1.89 -9.75
C GLY A 153 16.21 1.44 -9.77
N LYS A 154 15.74 0.80 -8.70
CA LYS A 154 14.40 0.22 -8.66
C LYS A 154 13.46 0.97 -7.71
N PHE A 155 13.77 2.20 -7.35
CA PHE A 155 12.96 2.98 -6.42
C PHE A 155 12.19 4.06 -7.19
N LYS A 156 10.89 4.13 -6.97
CA LYS A 156 10.06 5.18 -7.55
C LYS A 156 9.21 5.78 -6.44
N ALA A 157 9.30 7.09 -6.23
CA ALA A 157 8.56 7.72 -5.15
C ALA A 157 7.08 7.86 -5.51
N THR A 158 6.22 7.65 -4.51
CA THR A 158 4.82 8.02 -4.56
C THR A 158 4.53 8.85 -3.32
N GLN A 159 3.38 9.50 -3.30
CA GLN A 159 3.03 10.45 -2.26
C GLN A 159 1.83 9.98 -1.45
N ARG A 160 1.87 10.25 -0.15
CA ARG A 160 0.70 10.07 0.70
C ARG A 160 -0.11 11.35 0.71
N THR A 161 -1.44 11.19 0.64
CA THR A 161 -2.35 12.32 0.69
C THR A 161 -2.81 12.51 2.13
N GLU A 162 -2.79 13.76 2.61
CA GLU A 162 -3.25 14.04 3.97
C GLU A 162 -4.73 14.40 3.93
N GLY A 163 -5.38 14.19 5.08
CA GLY A 163 -6.74 14.64 5.28
C GLY A 163 -7.83 13.83 4.61
N VAL A 164 -7.54 12.61 4.19
CA VAL A 164 -8.53 11.84 3.43
C VAL A 164 -8.70 10.45 4.02
N SER A 165 -8.21 10.23 5.24
CA SER A 165 -8.22 8.87 5.77
C SER A 165 -9.58 8.54 6.37
N THR A 166 -9.78 7.25 6.63
CA THR A 166 -11.03 6.81 7.22
C THR A 166 -11.19 7.39 8.62
N THR A 167 -10.14 7.37 9.44
CA THR A 167 -10.30 7.98 10.76
C THR A 167 -10.54 9.48 10.65
N ASP A 168 -10.00 10.14 9.62
CA ASP A 168 -10.30 11.57 9.42
C ASP A 168 -11.79 11.78 9.24
N LEU A 169 -12.46 10.85 8.54
CA LEU A 169 -13.91 10.95 8.36
C LEU A 169 -14.62 10.83 9.70
N ILE A 170 -14.17 9.92 10.55
CA ILE A 170 -14.85 9.76 11.83
C ILE A 170 -14.65 11.01 12.69
N VAL A 171 -13.47 11.60 12.65
CA VAL A 171 -13.24 12.85 13.36
C VAL A 171 -14.24 13.90 12.90
N ARG A 172 -14.50 13.97 11.59
CA ARG A 172 -15.47 14.94 11.08
C ARG A 172 -16.87 14.66 11.65
N ILE A 173 -17.26 13.40 11.74
CA ILE A 173 -18.54 13.05 12.36
C ILE A 173 -18.58 13.59 13.77
N LEU A 174 -17.52 13.35 14.55
CA LEU A 174 -17.51 13.73 15.94
C LEU A 174 -17.58 15.24 16.12
N LYS A 175 -17.14 15.99 15.12
CA LYS A 175 -17.14 17.45 15.22
C LYS A 175 -18.55 18.02 15.27
N ASN A 176 -19.56 17.23 14.89
CA ASN A 176 -20.94 17.69 15.01
C ASN A 176 -21.41 17.82 16.44
N TYR A 177 -20.65 17.34 17.43
CA TYR A 177 -21.05 17.35 18.83
C TYR A 177 -20.11 18.31 19.57
N GLU A 178 -20.64 19.45 20.01
CA GLU A 178 -19.80 20.46 20.63
CA GLU A 178 -19.80 20.46 20.62
C GLU A 178 -19.34 20.01 22.00
N ASP A 179 -18.12 20.43 22.37
CA ASP A 179 -17.62 20.16 23.72
C ASP A 179 -18.59 20.64 24.78
N TYR A 180 -19.23 21.78 24.54
CA TYR A 180 -20.11 22.39 25.53
C TYR A 180 -21.39 22.86 24.86
#